data_5B1U
#
_entry.id   5B1U
#
_cell.length_a   37.030
_cell.length_b   41.460
_cell.length_c   45.440
_cell.angle_alpha   108.32
_cell.angle_beta   102.78
_cell.angle_gamma   106.28
#
_symmetry.space_group_name_H-M   'P 1'
#
loop_
_entity.id
_entity.type
_entity.pdbx_description
1 polymer Metallo-beta-lactamase
2 non-polymer 'ZINC ION'
3 non-polymer 'SODIUM ION'
4 non-polymer 'SULFATE ION'
5 non-polymer '(2R,4S)-2-[(1S,2R)-1-carboxy-2-hydroxypropyl]-4-[(2-{[(Z)-iminomethyl]amino}ethyl)sulfanyl]-3,4-dihydro-2H-pyrrole-5-ca rboxylic acid'
6 water water
#
_entity_poly.entity_id   1
_entity_poly.type   'polypeptide(L)'
_entity_poly.pdbx_seq_one_letter_code
;QDRDWSSPQQPFTIYGNTHYVGTGGISAVLLSSPQGHILVDGTTEKGAQVVAANIRAMGFKLSDVKYILSTHSHEDHAGG
ISAMQKLTGATVLAGAANVDTLRTGVSPKSDPQFGSLSNFPGSAKVRAVADGELVKLGPLAVKAHATPGHTEGGITWTWQ
SCEQGKCKDVVFADSLTAVSADSYRFSDHPEVVASLRGSFEAVEKLSCDIAIAAHPEVNDMWTRQQRAAKEGNSAYVDNG
ACRAIAAAGRKRLETRLASEKR
;
_entity_poly.pdbx_strand_id   A
#
loop_
_chem_comp.id
_chem_comp.type
_chem_comp.name
_chem_comp.formula
HIW non-polymer '(2R,4S)-2-[(1S,2R)-1-carboxy-2-hydroxypropyl]-4-[(2-{[(Z)-iminomethyl]amino}ethyl)sulfanyl]-3,4-dihydro-2H-pyrrole-5-ca rboxylic acid' 'C12 H19 N3 O5 S'
NA non-polymer 'SODIUM ION' 'Na 1'
SO4 non-polymer 'SULFATE ION' 'O4 S -2'
ZN non-polymer 'ZINC ION' 'Zn 2'
#
# COMPACT_ATOMS: atom_id res chain seq x y z
N ARG A 3 -5.30 12.49 12.81
CA ARG A 3 -4.77 11.46 11.86
C ARG A 3 -5.47 11.55 10.52
N ASP A 4 -5.53 12.75 9.97
CA ASP A 4 -6.01 12.91 8.60
C ASP A 4 -5.03 12.34 7.58
N TRP A 5 -5.52 12.22 6.35
CA TRP A 5 -4.77 11.53 5.32
C TRP A 5 -3.46 12.25 4.97
N SER A 6 -3.41 13.57 5.21
CA SER A 6 -2.30 14.37 4.79
C SER A 6 -1.49 14.85 6.00
N SER A 7 -1.84 14.36 7.19
CA SER A 7 -1.25 14.90 8.43
C SER A 7 0.21 14.51 8.60
N PRO A 8 1.00 15.41 9.16
CA PRO A 8 2.32 15.03 9.62
C PRO A 8 2.34 13.81 10.56
N GLN A 9 3.42 13.03 10.50
CA GLN A 9 3.62 11.88 11.35
C GLN A 9 5.13 11.62 11.44
N GLN A 10 5.68 11.65 12.65
CA GLN A 10 7.12 11.43 12.81
C GLN A 10 7.43 10.00 12.35
N PRO A 11 8.38 9.85 11.42
CA PRO A 11 8.63 8.51 10.87
C PRO A 11 9.37 7.66 11.87
N PHE A 12 9.33 6.36 11.65
CA PHE A 12 9.88 5.41 12.60
C PHE A 12 10.24 4.13 11.87
N THR A 13 11.23 3.42 12.40
CA THR A 13 11.62 2.13 11.86
C THR A 13 10.76 1.05 12.47
N ILE A 14 10.17 0.23 11.60
CA ILE A 14 9.36 -0.87 12.04
C ILE A 14 10.23 -2.10 12.30
N TYR A 15 11.07 -2.48 11.35
CA TYR A 15 11.98 -3.61 11.53
C TYR A 15 13.10 -3.51 10.53
N GLY A 16 14.34 -3.59 10.98
CA GLY A 16 15.45 -3.60 10.05
C GLY A 16 15.46 -2.36 9.18
N ASN A 17 15.41 -2.61 7.87
CA ASN A 17 15.39 -1.57 6.89
C ASN A 17 14.02 -1.18 6.37
N THR A 18 12.97 -1.54 7.12
CA THR A 18 11.60 -1.13 6.81
C THR A 18 11.21 0.02 7.71
N HIS A 19 10.94 1.17 7.09
CA HIS A 19 10.63 2.40 7.83
C HIS A 19 9.25 2.93 7.42
N TYR A 20 8.45 3.33 8.41
CA TYR A 20 7.19 4.02 8.13
C TYR A 20 7.50 5.48 7.89
N VAL A 21 7.09 5.96 6.72
CA VAL A 21 7.30 7.37 6.31
C VAL A 21 6.04 8.04 5.85
N GLY A 22 4.90 7.42 6.13
CA GLY A 22 3.61 7.94 5.74
C GLY A 22 3.09 9.06 6.61
N THR A 23 1.82 9.36 6.40
CA THR A 23 1.14 10.40 7.13
C THR A 23 0.47 9.79 8.37
N GLY A 24 -0.25 10.61 9.13
CA GLY A 24 -0.96 10.09 10.27
C GLY A 24 -2.06 9.13 9.92
N GLY A 25 -2.54 9.22 8.69
CA GLY A 25 -3.71 8.52 8.21
C GLY A 25 -3.48 7.51 7.09
N ILE A 26 -2.36 7.62 6.39
CA ILE A 26 -2.13 6.75 5.21
C ILE A 26 -0.70 6.24 5.25
N SER A 27 -0.54 4.94 5.10
CA SER A 27 0.78 4.34 5.17
C SER A 27 1.61 4.63 3.95
N ALA A 28 2.90 4.86 4.20
CA ALA A 28 3.89 4.76 3.14
C ALA A 28 5.13 4.21 3.78
N VAL A 29 5.85 3.36 3.06
CA VAL A 29 7.02 2.66 3.64
C VAL A 29 8.24 2.88 2.79
N LEU A 30 9.37 3.17 3.43
CA LEU A 30 10.64 3.19 2.73
C LEU A 30 11.36 1.92 3.10
N LEU A 31 11.84 1.21 2.08
CA LEU A 31 12.68 0.06 2.29
C LEU A 31 14.08 0.47 1.80
N SER A 32 15.02 0.53 2.73
CA SER A 32 16.28 1.18 2.48
C SER A 32 17.43 0.24 2.19
N SER A 33 18.41 0.75 1.45
CA SER A 33 19.69 0.03 1.30
C SER A 33 20.78 1.03 0.97
N PRO A 34 22.03 0.55 1.04
CA PRO A 34 23.13 1.42 0.65
C PRO A 34 23.21 1.65 -0.85
N GLN A 35 22.48 0.87 -1.64
CA GLN A 35 22.49 0.98 -3.10
CA GLN A 35 22.50 1.01 -3.08
C GLN A 35 21.25 1.69 -3.60
N GLY A 36 20.46 2.20 -2.68
CA GLY A 36 19.22 2.89 -3.04
C GLY A 36 18.00 2.27 -2.37
N HIS A 37 16.88 2.97 -2.50
CA HIS A 37 15.65 2.68 -1.72
C HIS A 37 14.44 2.45 -2.60
N ILE A 38 13.48 1.76 -2.00
CA ILE A 38 12.14 1.60 -2.57
C ILE A 38 11.09 2.23 -1.67
N LEU A 39 10.23 3.08 -2.24
CA LEU A 39 9.11 3.68 -1.51
C LEU A 39 7.83 2.98 -1.92
N VAL A 40 7.03 2.61 -0.93
CA VAL A 40 5.70 2.09 -1.20
C VAL A 40 4.63 3.09 -0.84
N ASP A 41 3.90 3.50 -1.88
CA ASP A 41 2.84 4.52 -1.86
C ASP A 41 3.30 5.94 -1.65
N GLY A 42 2.43 6.89 -2.01
CA GLY A 42 2.74 8.30 -1.93
C GLY A 42 1.89 9.10 -0.96
N THR A 43 0.83 8.49 -0.46
CA THR A 43 -0.22 9.22 0.29
C THR A 43 -0.89 10.22 -0.63
N THR A 44 -1.43 11.27 -0.06
CA THR A 44 -2.17 12.25 -0.83
C THR A 44 -1.23 13.20 -1.52
N GLU A 45 -1.79 14.05 -2.39
CA GLU A 45 -1.04 15.09 -3.00
C GLU A 45 -0.35 15.99 -1.93
N LYS A 46 -1.14 16.44 -0.93
CA LYS A 46 -0.57 17.28 0.14
C LYS A 46 0.39 16.45 0.97
N GLY A 47 0.08 15.17 1.11
CA GLY A 47 0.93 14.26 1.91
C GLY A 47 2.31 14.03 1.31
N ALA A 48 2.48 14.20 0.01
CA ALA A 48 3.81 14.01 -0.60
C ALA A 48 4.84 14.83 0.15
N GLN A 49 4.49 16.04 0.57
CA GLN A 49 5.49 16.86 1.28
C GLN A 49 5.86 16.32 2.65
N VAL A 50 4.93 15.64 3.29
CA VAL A 50 5.17 14.89 4.51
C VAL A 50 6.08 13.71 4.27
N VAL A 51 5.74 12.90 3.27
CA VAL A 51 6.54 11.72 2.97
C VAL A 51 7.99 12.09 2.62
N ALA A 52 8.16 13.13 1.81
CA ALA A 52 9.52 13.57 1.45
C ALA A 52 10.33 14.03 2.66
N ALA A 53 9.70 14.80 3.54
CA ALA A 53 10.37 15.27 4.73
C ALA A 53 10.70 14.11 5.67
N ASN A 54 9.77 13.15 5.76
CA ASN A 54 9.98 11.95 6.56
C ASN A 54 11.14 11.10 6.06
N ILE A 55 11.27 10.92 4.75
CA ILE A 55 12.39 10.15 4.22
C ILE A 55 13.71 10.82 4.62
N ARG A 56 13.76 12.13 4.49
CA ARG A 56 14.98 12.84 4.85
CA ARG A 56 14.98 12.87 4.84
C ARG A 56 15.21 12.78 6.35
N ALA A 57 14.15 12.86 7.14
CA ALA A 57 14.30 12.73 8.59
C ALA A 57 14.89 11.37 9.05
N MET A 58 14.66 10.33 8.24
CA MET A 58 15.22 9.03 8.50
C MET A 58 16.68 8.90 8.02
N GLY A 59 17.20 9.96 7.43
CA GLY A 59 18.62 10.04 7.06
C GLY A 59 18.87 9.72 5.60
N PHE A 60 17.82 9.63 4.79
CA PHE A 60 17.96 9.18 3.42
C PHE A 60 17.81 10.32 2.44
N LYS A 61 18.36 10.16 1.24
CA LYS A 61 18.23 11.14 0.17
C LYS A 61 17.12 10.76 -0.78
N LEU A 62 16.29 11.74 -1.16
CA LEU A 62 15.28 11.47 -2.16
C LEU A 62 15.85 10.94 -3.45
N SER A 63 16.97 11.47 -3.88
CA SER A 63 17.58 11.02 -5.13
C SER A 63 18.01 9.55 -5.13
N ASP A 64 18.09 8.94 -3.95
CA ASP A 64 18.40 7.51 -3.84
C ASP A 64 17.18 6.59 -3.85
N VAL A 65 15.98 7.16 -3.94
CA VAL A 65 14.75 6.35 -4.10
C VAL A 65 14.59 5.99 -5.59
N LYS A 66 14.72 4.71 -5.89
CA LYS A 66 14.78 4.26 -7.29
C LYS A 66 13.45 3.77 -7.85
N TYR A 67 12.59 3.26 -6.97
CA TYR A 67 11.29 2.77 -7.36
C TYR A 67 10.26 3.28 -6.36
N ILE A 68 9.10 3.59 -6.89
CA ILE A 68 7.89 3.86 -6.07
C ILE A 68 6.85 2.80 -6.46
N LEU A 69 6.43 2.01 -5.49
CA LEU A 69 5.49 0.92 -5.72
C LEU A 69 4.11 1.43 -5.30
N SER A 70 3.12 1.20 -6.14
CA SER A 70 1.74 1.61 -5.86
C SER A 70 0.92 0.39 -5.47
N THR A 71 0.23 0.51 -4.34
CA THR A 71 -0.84 -0.47 -4.00
C THR A 71 -2.01 -0.32 -4.95
N HIS A 72 -2.67 0.83 -4.92
CA HIS A 72 -3.70 1.08 -5.87
C HIS A 72 -3.93 2.57 -6.10
N SER A 73 -4.67 2.85 -7.15
CA SER A 73 -4.72 4.17 -7.79
C SER A 73 -5.92 5.03 -7.38
N HIS A 74 -6.01 5.32 -6.07
CA HIS A 74 -6.94 6.34 -5.55
C HIS A 74 -6.18 7.49 -4.92
N GLU A 75 -6.85 8.64 -4.80
CA GLU A 75 -6.17 9.85 -4.33
C GLU A 75 -5.47 9.67 -2.99
N ASP A 76 -6.03 8.85 -2.10
CA ASP A 76 -5.52 8.80 -0.75
C ASP A 76 -4.18 8.04 -0.65
N HIS A 77 -3.95 7.11 -1.59
CA HIS A 77 -2.71 6.28 -1.58
C HIS A 77 -1.72 6.73 -2.64
N ALA A 78 -2.25 7.21 -3.76
CA ALA A 78 -1.47 7.50 -4.99
C ALA A 78 -1.40 9.00 -5.29
N GLY A 79 -2.15 9.83 -4.56
CA GLY A 79 -2.22 11.23 -4.89
C GLY A 79 -0.86 11.90 -4.80
N GLY A 80 0.01 11.42 -3.91
CA GLY A 80 1.33 11.96 -3.75
C GLY A 80 2.42 11.33 -4.63
N ILE A 81 2.06 10.31 -5.42
CA ILE A 81 3.06 9.59 -6.18
C ILE A 81 3.69 10.51 -7.24
N SER A 82 2.91 11.34 -7.92
CA SER A 82 3.46 12.13 -9.01
C SER A 82 4.51 13.06 -8.47
N ALA A 83 4.19 13.73 -7.37
CA ALA A 83 5.15 14.62 -6.74
C ALA A 83 6.40 13.89 -6.25
N MET A 84 6.23 12.73 -5.65
CA MET A 84 7.37 11.96 -5.21
C MET A 84 8.22 11.51 -6.39
N GLN A 85 7.56 11.15 -7.48
CA GLN A 85 8.28 10.69 -8.66
C GLN A 85 9.16 11.84 -9.19
N LYS A 86 8.61 13.05 -9.25
CA LYS A 86 9.45 14.18 -9.68
C LYS A 86 10.61 14.46 -8.75
N LEU A 87 10.37 14.38 -7.45
CA LEU A 87 11.40 14.71 -6.47
C LEU A 87 12.53 13.66 -6.48
N THR A 88 12.23 12.44 -6.89
CA THR A 88 13.17 11.32 -6.76
C THR A 88 13.80 10.88 -8.06
N GLY A 89 13.03 10.99 -9.15
CA GLY A 89 13.40 10.41 -10.43
C GLY A 89 13.09 8.94 -10.54
N ALA A 90 12.35 8.42 -9.56
CA ALA A 90 12.08 6.98 -9.51
C ALA A 90 11.13 6.55 -10.63
N THR A 91 11.16 5.25 -10.90
CA THR A 91 10.15 4.60 -11.73
C THR A 91 9.03 4.13 -10.83
N VAL A 92 7.80 4.35 -11.30
CA VAL A 92 6.58 3.94 -10.58
C VAL A 92 6.11 2.60 -11.12
N LEU A 93 5.89 1.63 -10.23
CA LEU A 93 5.44 0.32 -10.64
C LEU A 93 4.08 0.06 -10.09
N ALA A 94 3.23 -0.56 -10.90
CA ALA A 94 1.85 -0.80 -10.52
C ALA A 94 1.28 -2.00 -11.26
N GLY A 95 0.15 -2.50 -10.78
CA GLY A 95 -0.58 -3.51 -11.53
C GLY A 95 -1.01 -2.99 -12.87
N ALA A 96 -1.09 -3.89 -13.84
CA ALA A 96 -1.33 -3.51 -15.20
C ALA A 96 -2.54 -2.65 -15.37
N ALA A 97 -3.66 -3.01 -14.73
CA ALA A 97 -4.94 -2.33 -14.97
C ALA A 97 -5.01 -0.99 -14.27
N ASN A 98 -4.02 -0.67 -13.44
CA ASN A 98 -4.00 0.62 -12.77
C ASN A 98 -2.99 1.58 -13.35
N VAL A 99 -2.20 1.12 -14.33
CA VAL A 99 -1.19 2.00 -14.93
C VAL A 99 -1.82 3.28 -15.52
N ASP A 100 -2.87 3.14 -16.32
CA ASP A 100 -3.48 4.32 -16.96
CA ASP A 100 -3.46 4.30 -16.95
C ASP A 100 -4.08 5.28 -15.94
N THR A 101 -4.62 4.75 -14.85
CA THR A 101 -5.14 5.60 -13.80
C THR A 101 -4.04 6.38 -13.12
N LEU A 102 -2.91 5.75 -12.85
CA LEU A 102 -1.79 6.49 -12.28
C LEU A 102 -1.27 7.57 -13.22
N ARG A 103 -1.25 7.28 -14.51
CA ARG A 103 -0.75 8.25 -15.48
C ARG A 103 -1.65 9.46 -15.56
N THR A 104 -2.96 9.25 -15.46
CA THR A 104 -3.90 10.32 -15.72
C THR A 104 -4.44 10.97 -14.43
N GLY A 105 -4.47 10.18 -13.37
CA GLY A 105 -5.10 10.55 -12.11
C GLY A 105 -6.59 10.43 -12.13
N VAL A 106 -7.16 9.70 -13.08
CA VAL A 106 -8.61 9.57 -13.21
C VAL A 106 -8.96 8.07 -13.20
N SER A 107 -9.76 7.63 -12.24
CA SER A 107 -10.16 6.23 -12.18
C SER A 107 -11.24 5.97 -13.22
N PRO A 108 -11.28 4.76 -13.75
CA PRO A 108 -12.19 4.44 -14.82
C PRO A 108 -13.52 3.91 -14.34
N LYS A 109 -14.44 3.76 -15.28
CA LYS A 109 -15.79 3.36 -14.97
C LYS A 109 -15.93 1.96 -14.36
N SER A 110 -14.95 1.09 -14.52
CA SER A 110 -14.99 -0.21 -13.88
C SER A 110 -14.84 -0.12 -12.36
N ASP A 111 -14.29 0.99 -11.87
CA ASP A 111 -14.07 1.13 -10.42
C ASP A 111 -15.42 1.27 -9.70
N PRO A 112 -15.69 0.43 -8.69
CA PRO A 112 -16.97 0.54 -7.98
C PRO A 112 -17.28 1.91 -7.46
N GLN A 113 -16.26 2.71 -7.17
CA GLN A 113 -16.49 4.07 -6.68
C GLN A 113 -16.58 5.11 -7.77
N PHE A 114 -16.49 4.69 -9.03
CA PHE A 114 -16.63 5.65 -10.13
C PHE A 114 -17.92 6.45 -10.02
N GLY A 115 -17.77 7.77 -10.15
CA GLY A 115 -18.84 8.72 -9.85
C GLY A 115 -18.67 9.45 -8.52
N SER A 116 -17.85 8.90 -7.65
CA SER A 116 -17.66 9.44 -6.33
C SER A 116 -16.17 9.69 -5.97
N LEU A 117 -15.25 9.43 -6.89
CA LEU A 117 -13.84 9.57 -6.60
C LEU A 117 -13.35 10.93 -6.99
N SER A 118 -12.33 11.42 -6.30
CA SER A 118 -11.68 12.65 -6.70
CA SER A 118 -11.71 12.65 -6.75
C SER A 118 -10.43 12.32 -7.50
N ASN A 119 -10.18 13.09 -8.55
CA ASN A 119 -9.00 12.91 -9.34
C ASN A 119 -7.79 13.32 -8.54
N PHE A 120 -6.61 12.93 -9.04
CA PHE A 120 -5.35 13.24 -8.38
C PHE A 120 -4.28 13.46 -9.48
N PRO A 121 -3.10 13.94 -9.10
CA PRO A 121 -2.16 14.31 -10.15
C PRO A 121 -1.59 13.09 -10.86
N GLY A 122 -1.62 13.12 -12.19
CA GLY A 122 -1.00 12.08 -12.98
C GLY A 122 0.50 12.02 -12.80
N SER A 123 1.02 10.80 -12.79
CA SER A 123 2.46 10.56 -12.66
CA SER A 123 2.45 10.55 -12.68
C SER A 123 3.13 10.24 -14.01
N ALA A 124 4.41 10.56 -14.11
CA ALA A 124 5.28 10.07 -15.15
C ALA A 124 5.89 8.74 -14.76
N LYS A 125 6.52 8.07 -15.72
CA LYS A 125 7.37 6.86 -15.53
C LYS A 125 6.65 5.72 -14.86
N VAL A 126 5.39 5.50 -15.25
CA VAL A 126 4.61 4.42 -14.71
C VAL A 126 4.77 3.16 -15.59
N ARG A 127 5.08 2.05 -14.95
CA ARG A 127 5.30 0.77 -15.62
C ARG A 127 4.49 -0.31 -14.90
N ALA A 128 4.12 -1.34 -15.63
CA ALA A 128 3.37 -2.47 -15.07
C ALA A 128 4.28 -3.54 -14.50
N VAL A 129 3.80 -4.21 -13.46
CA VAL A 129 4.39 -5.48 -12.98
C VAL A 129 3.28 -6.52 -13.00
N ALA A 130 3.69 -7.78 -13.07
CA ALA A 130 2.75 -8.90 -13.11
C ALA A 130 2.65 -9.55 -11.75
N ASP A 131 1.61 -10.34 -11.54
CA ASP A 131 1.51 -11.16 -10.37
C ASP A 131 2.74 -12.05 -10.21
N GLY A 132 3.30 -12.04 -9.00
CA GLY A 132 4.46 -12.87 -8.68
C GLY A 132 5.79 -12.27 -9.02
N GLU A 133 5.78 -11.15 -9.74
CA GLU A 133 7.02 -10.54 -10.22
C GLU A 133 7.90 -10.01 -9.06
N LEU A 134 9.22 -10.14 -9.20
CA LEU A 134 10.19 -9.56 -8.27
C LEU A 134 10.74 -8.22 -8.76
N VAL A 135 10.70 -7.25 -7.89
CA VAL A 135 11.37 -5.97 -8.06
C VAL A 135 12.68 -6.00 -7.27
N LYS A 136 13.80 -5.87 -7.98
CA LYS A 136 15.13 -5.97 -7.39
C LYS A 136 15.85 -4.63 -7.45
N LEU A 137 16.51 -4.30 -6.35
CA LEU A 137 17.37 -3.11 -6.32
C LEU A 137 18.48 -3.38 -5.35
N GLY A 138 19.70 -3.55 -5.86
CA GLY A 138 20.75 -4.02 -4.99
C GLY A 138 20.33 -5.25 -4.22
N PRO A 139 20.47 -5.22 -2.87
CA PRO A 139 20.06 -6.37 -2.07
C PRO A 139 18.55 -6.50 -1.82
N LEU A 140 17.78 -5.53 -2.27
CA LEU A 140 16.34 -5.52 -2.01
C LEU A 140 15.62 -6.38 -3.03
N ALA A 141 14.58 -7.09 -2.56
CA ALA A 141 13.81 -7.94 -3.41
C ALA A 141 12.36 -7.90 -2.91
N VAL A 142 11.52 -7.23 -3.68
CA VAL A 142 10.13 -7.07 -3.31
C VAL A 142 9.25 -7.79 -4.32
N LYS A 143 8.29 -8.56 -3.85
CA LYS A 143 7.43 -9.35 -4.72
C LYS A 143 6.06 -8.68 -4.82
N ALA A 144 5.55 -8.65 -6.04
CA ALA A 144 4.20 -8.20 -6.33
C ALA A 144 3.21 -9.34 -6.26
N HIS A 145 2.10 -9.15 -5.53
CA HIS A 145 0.98 -10.09 -5.52
C HIS A 145 -0.27 -9.34 -6.00
N ALA A 146 -0.90 -9.83 -7.06
CA ALA A 146 -2.13 -9.23 -7.52
C ALA A 146 -3.19 -9.41 -6.46
N THR A 147 -3.79 -8.30 -6.04
CA THR A 147 -4.88 -8.33 -5.10
C THR A 147 -5.97 -7.38 -5.59
N PRO A 148 -6.61 -7.72 -6.71
CA PRO A 148 -7.70 -6.92 -7.27
C PRO A 148 -9.00 -6.96 -6.46
N GLY A 149 -9.85 -6.00 -6.73
CA GLY A 149 -11.18 -6.00 -6.17
C GLY A 149 -11.63 -4.62 -5.78
N HIS A 150 -10.85 -3.99 -4.94
CA HIS A 150 -11.02 -2.58 -4.64
C HIS A 150 -10.66 -1.75 -5.89
N THR A 151 -9.63 -2.18 -6.61
CA THR A 151 -9.33 -1.72 -7.96
C THR A 151 -8.85 -2.94 -8.75
N GLU A 152 -8.89 -2.83 -10.09
CA GLU A 152 -8.49 -3.95 -10.90
C GLU A 152 -7.00 -4.22 -10.82
N GLY A 153 -6.19 -3.19 -10.67
CA GLY A 153 -4.74 -3.34 -10.66
C GLY A 153 -4.10 -3.34 -9.30
N GLY A 154 -4.88 -3.62 -8.25
CA GLY A 154 -4.33 -3.56 -6.88
C GLY A 154 -3.21 -4.56 -6.69
N ILE A 155 -2.14 -4.13 -6.04
CA ILE A 155 -1.01 -5.00 -5.71
C ILE A 155 -0.72 -4.89 -4.22
N THR A 156 -0.50 -6.07 -3.60
CA THR A 156 0.06 -6.19 -2.27
C THR A 156 1.53 -6.58 -2.42
N TRP A 157 2.42 -5.93 -1.69
CA TRP A 157 3.88 -6.05 -1.88
C TRP A 157 4.54 -6.72 -0.69
N THR A 158 5.45 -7.68 -0.92
CA THR A 158 6.10 -8.43 0.20
C THR A 158 7.61 -8.45 0.08
N TRP A 159 8.26 -8.51 1.22
CA TRP A 159 9.72 -8.58 1.28
C TRP A 159 10.15 -9.13 2.61
N GLN A 160 11.47 -9.27 2.80
CA GLN A 160 12.04 -9.67 4.09
CA GLN A 160 12.06 -9.68 4.07
C GLN A 160 12.94 -8.55 4.58
N SER A 161 12.87 -8.27 5.86
CA SER A 161 13.81 -7.35 6.50
C SER A 161 14.45 -8.07 7.66
N CYS A 162 15.71 -7.74 7.93
CA CYS A 162 16.51 -8.50 8.92
C CYS A 162 17.27 -7.54 9.80
N GLU A 163 17.46 -7.98 11.04
CA GLU A 163 18.33 -7.31 12.02
C GLU A 163 19.38 -8.33 12.52
N GLN A 164 20.64 -8.15 12.17
CA GLN A 164 21.74 -9.04 12.59
C GLN A 164 21.34 -10.49 12.32
N GLY A 165 20.72 -10.69 11.15
CA GLY A 165 20.45 -12.07 10.71
C GLY A 165 19.14 -12.65 11.17
N LYS A 166 18.39 -11.92 12.01
CA LYS A 166 17.04 -12.32 12.40
C LYS A 166 16.03 -11.65 11.48
N CYS A 167 15.36 -12.44 10.64
CA CYS A 167 14.53 -11.91 9.57
C CYS A 167 13.04 -12.11 9.78
N LYS A 168 12.26 -11.18 9.21
CA LYS A 168 10.82 -11.22 9.24
C LYS A 168 10.27 -10.95 7.85
N ASP A 169 9.16 -11.58 7.58
CA ASP A 169 8.41 -11.37 6.35
C ASP A 169 7.46 -10.21 6.55
N VAL A 170 7.62 -9.22 5.69
CA VAL A 170 6.87 -7.95 5.76
C VAL A 170 5.90 -7.91 4.57
N VAL A 171 4.67 -7.49 4.84
CA VAL A 171 3.63 -7.35 3.81
C VAL A 171 3.07 -5.95 3.87
N PHE A 172 3.12 -5.24 2.74
CA PHE A 172 2.37 -3.98 2.59
C PHE A 172 1.07 -4.32 1.91
N ALA A 173 0.02 -4.34 2.71
CA ALA A 173 -1.27 -4.93 2.30
C ALA A 173 -2.14 -3.88 1.61
N ASP A 174 -2.45 -4.09 0.35
CA ASP A 174 -3.43 -3.25 -0.36
C ASP A 174 -4.80 -3.36 0.28
N SER A 175 -5.62 -2.36 0.03
CA SER A 175 -7.03 -2.38 0.45
CA SER A 175 -7.01 -2.38 0.47
C SER A 175 -7.79 -3.50 -0.21
N LEU A 176 -8.60 -4.18 0.59
CA LEU A 176 -9.46 -5.26 0.13
C LEU A 176 -10.94 -4.94 0.31
N THR A 177 -11.28 -3.65 0.34
CA THR A 177 -12.59 -3.21 0.76
C THR A 177 -13.58 -3.01 -0.40
N ALA A 178 -14.74 -3.61 -0.23
CA ALA A 178 -15.88 -3.36 -1.10
C ALA A 178 -16.64 -2.09 -0.72
N VAL A 179 -16.30 -1.00 -1.40
CA VAL A 179 -16.95 0.31 -1.21
C VAL A 179 -17.37 0.81 -2.59
N SER A 180 -18.43 1.57 -2.67
CA SER A 180 -18.90 2.00 -3.98
C SER A 180 -19.63 3.29 -3.96
N ALA A 181 -19.86 3.79 -5.15
CA ALA A 181 -20.86 4.84 -5.35
C ALA A 181 -22.26 4.34 -5.05
N ASP A 182 -23.15 5.28 -4.79
CA ASP A 182 -24.53 4.91 -4.46
C ASP A 182 -25.24 4.18 -5.59
N SER A 183 -24.85 4.46 -6.82
CA SER A 183 -25.45 3.87 -8.01
C SER A 183 -24.92 2.50 -8.37
N TYR A 184 -24.00 1.93 -7.58
CA TYR A 184 -23.33 0.67 -7.91
C TYR A 184 -23.79 -0.52 -7.07
N ARG A 185 -24.05 -1.63 -7.75
CA ARG A 185 -24.50 -2.86 -7.14
C ARG A 185 -23.44 -3.95 -7.33
N PHE A 186 -22.80 -4.36 -6.26
CA PHE A 186 -21.77 -5.40 -6.37
C PHE A 186 -22.36 -6.67 -6.95
N SER A 187 -23.60 -6.97 -6.56
CA SER A 187 -24.26 -8.20 -7.02
C SER A 187 -24.43 -8.25 -8.53
N ASP A 188 -24.28 -7.12 -9.22
CA ASP A 188 -24.43 -7.10 -10.67
C ASP A 188 -23.05 -7.27 -11.37
N HIS A 189 -21.95 -7.29 -10.61
CA HIS A 189 -20.59 -7.21 -11.16
C HIS A 189 -19.74 -8.40 -10.70
N PRO A 190 -19.93 -9.54 -11.36
CA PRO A 190 -19.29 -10.77 -10.89
C PRO A 190 -17.78 -10.78 -10.96
N GLU A 191 -17.19 -10.00 -11.86
CA GLU A 191 -15.75 -9.96 -11.93
C GLU A 191 -15.16 -9.30 -10.68
N VAL A 192 -15.81 -8.24 -10.19
CA VAL A 192 -15.33 -7.57 -9.01
C VAL A 192 -15.45 -8.48 -7.81
N VAL A 193 -16.63 -9.08 -7.63
CA VAL A 193 -16.82 -9.97 -6.51
C VAL A 193 -15.79 -11.12 -6.54
N ALA A 194 -15.61 -11.77 -7.71
CA ALA A 194 -14.64 -12.87 -7.81
C ALA A 194 -13.23 -12.37 -7.49
N SER A 195 -12.89 -11.18 -7.98
CA SER A 195 -11.58 -10.63 -7.72
C SER A 195 -11.33 -10.40 -6.23
N LEU A 196 -12.28 -9.78 -5.56
CA LEU A 196 -12.22 -9.61 -4.10
C LEU A 196 -12.04 -10.93 -3.37
N ARG A 197 -12.87 -11.90 -3.73
CA ARG A 197 -12.71 -13.21 -3.08
C ARG A 197 -11.38 -13.87 -3.33
N GLY A 198 -10.86 -13.81 -4.54
CA GLY A 198 -9.55 -14.35 -4.80
C GLY A 198 -8.50 -13.65 -3.96
N SER A 199 -8.68 -12.34 -3.82
CA SER A 199 -7.71 -11.54 -3.08
C SER A 199 -7.73 -11.85 -1.56
N PHE A 200 -8.89 -12.09 -0.98
CA PHE A 200 -8.90 -12.48 0.44
C PHE A 200 -8.13 -13.79 0.61
N GLU A 201 -8.33 -14.71 -0.32
CA GLU A 201 -7.63 -16.03 -0.29
C GLU A 201 -6.12 -15.88 -0.44
N ALA A 202 -5.68 -15.04 -1.37
CA ALA A 202 -4.24 -14.81 -1.56
C ALA A 202 -3.60 -14.20 -0.33
N VAL A 203 -4.25 -13.19 0.22
CA VAL A 203 -3.67 -12.45 1.35
C VAL A 203 -3.61 -13.34 2.60
N GLU A 204 -4.65 -14.15 2.82
CA GLU A 204 -4.65 -14.97 4.04
C GLU A 204 -3.62 -16.13 3.90
N LYS A 205 -3.08 -16.34 2.72
CA LYS A 205 -2.02 -17.34 2.55
C LYS A 205 -0.60 -16.80 2.63
N LEU A 206 -0.44 -15.49 2.64
CA LEU A 206 0.90 -14.89 2.59
C LEU A 206 1.72 -15.23 3.85
N SER A 207 3.02 -15.42 3.67
CA SER A 207 3.95 -15.33 4.78
CA SER A 207 3.89 -15.34 4.81
C SER A 207 3.92 -13.90 5.28
N CYS A 208 3.61 -13.71 6.57
CA CYS A 208 3.18 -12.43 7.05
C CYS A 208 3.49 -12.21 8.52
N ASP A 209 4.74 -11.92 8.83
CA ASP A 209 5.10 -11.62 10.23
C ASP A 209 4.65 -10.21 10.61
N ILE A 210 4.90 -9.27 9.70
CA ILE A 210 4.59 -7.86 9.94
C ILE A 210 3.73 -7.37 8.79
N ALA A 211 2.50 -7.00 9.08
CA ALA A 211 1.66 -6.41 8.07
C ALA A 211 1.48 -4.91 8.28
N ILE A 212 1.66 -4.16 7.21
CA ILE A 212 1.44 -2.73 7.19
C ILE A 212 0.32 -2.49 6.21
N ALA A 213 -0.86 -2.13 6.70
CA ALA A 213 -2.05 -1.97 5.86
C ALA A 213 -2.03 -0.55 5.24
N ALA A 214 -2.47 -0.42 4.00
CA ALA A 214 -2.52 0.88 3.31
C ALA A 214 -3.18 1.98 4.14
N HIS A 215 -4.30 1.62 4.78
CA HIS A 215 -4.86 2.40 5.89
C HIS A 215 -4.35 1.80 7.19
N PRO A 216 -3.43 2.50 7.86
CA PRO A 216 -2.60 1.83 8.89
C PRO A 216 -3.42 1.25 10.04
N GLU A 217 -4.55 1.90 10.36
CA GLU A 217 -5.42 1.40 11.44
C GLU A 217 -6.07 0.04 11.16
N VAL A 218 -6.03 -0.39 9.90
CA VAL A 218 -6.57 -1.71 9.56
C VAL A 218 -5.82 -2.83 10.29
N ASN A 219 -4.53 -2.66 10.54
CA ASN A 219 -3.79 -3.58 11.43
C ASN A 219 -3.27 -2.87 12.67
N ASP A 220 -4.07 -1.93 13.16
CA ASP A 220 -3.87 -1.30 14.45
C ASP A 220 -2.47 -0.72 14.63
N MET A 221 -2.01 0.01 13.62
CA MET A 221 -0.66 0.54 13.65
C MET A 221 -0.40 1.39 14.88
N TRP A 222 -1.35 2.26 15.20
CA TRP A 222 -1.08 3.26 16.24
C TRP A 222 -1.11 2.63 17.64
N THR A 223 -2.01 1.71 17.87
CA THR A 223 -1.95 0.90 19.10
C THR A 223 -0.64 0.11 19.18
N ARG A 224 -0.20 -0.46 18.06
CA ARG A 224 1.06 -1.21 18.03
C ARG A 224 2.23 -0.30 18.33
N GLN A 225 2.23 0.90 17.77
CA GLN A 225 3.36 1.81 18.00
C GLN A 225 3.41 2.20 19.48
N GLN A 226 2.25 2.39 20.10
CA GLN A 226 2.22 2.72 21.53
C GLN A 226 2.75 1.52 22.34
N ARG A 227 2.39 0.32 21.95
CA ARG A 227 2.90 -0.89 22.59
C ARG A 227 4.41 -0.98 22.45
N ALA A 228 4.91 -0.61 21.28
CA ALA A 228 6.33 -0.76 20.97
C ALA A 228 7.22 0.09 21.85
N ALA A 229 6.70 1.20 22.36
CA ALA A 229 7.45 2.07 23.27
C ALA A 229 8.07 1.28 24.41
N LYS A 230 7.32 0.35 24.99
CA LYS A 230 7.89 -0.54 25.99
C LYS A 230 8.31 -1.88 25.42
N GLU A 231 7.47 -2.49 24.56
CA GLU A 231 7.72 -3.85 24.13
CA GLU A 231 7.66 -3.86 24.07
C GLU A 231 8.81 -3.98 23.05
N GLY A 232 9.17 -2.86 22.41
CA GLY A 232 10.06 -2.91 21.26
C GLY A 232 9.32 -3.30 20.00
N ASN A 233 10.08 -3.52 18.92
CA ASN A 233 9.44 -3.71 17.60
C ASN A 233 8.72 -5.02 17.40
N SER A 234 8.78 -5.92 18.39
CA SER A 234 7.94 -7.07 18.37
C SER A 234 6.46 -6.68 18.39
N ALA A 235 6.16 -5.45 18.81
CA ALA A 235 4.73 -5.01 18.87
C ALA A 235 4.12 -4.97 17.48
N TYR A 236 4.97 -4.77 16.45
CA TYR A 236 4.51 -4.80 15.05
C TYR A 236 4.30 -6.19 14.49
N VAL A 237 4.87 -7.20 15.14
CA VAL A 237 4.87 -8.56 14.67
C VAL A 237 3.61 -9.25 15.16
N ASP A 238 2.92 -9.86 14.22
CA ASP A 238 1.70 -10.63 14.48
C ASP A 238 1.43 -11.41 13.21
N ASN A 239 1.79 -12.69 13.21
CA ASN A 239 1.71 -13.49 12.00
C ASN A 239 0.32 -13.96 11.63
N GLY A 240 -0.70 -13.44 12.34
CA GLY A 240 -2.07 -13.59 11.92
C GLY A 240 -2.65 -12.34 11.28
N ALA A 241 -1.84 -11.30 11.13
CA ALA A 241 -2.37 -10.03 10.67
C ALA A 241 -2.94 -10.06 9.28
N CYS A 242 -2.29 -10.74 8.37
CA CYS A 242 -2.80 -10.82 7.01
C CYS A 242 -4.11 -11.61 6.97
N ARG A 243 -4.19 -12.72 7.72
CA ARG A 243 -5.44 -13.43 7.87
C ARG A 243 -6.54 -12.51 8.38
N ALA A 244 -6.21 -11.63 9.31
CA ALA A 244 -7.20 -10.73 9.90
C ALA A 244 -7.65 -9.63 8.92
N ILE A 245 -6.74 -9.14 8.10
CA ILE A 245 -7.08 -8.14 7.10
C ILE A 245 -7.99 -8.76 6.06
N ALA A 246 -7.65 -9.96 5.64
CA ALA A 246 -8.46 -10.69 4.68
C ALA A 246 -9.87 -11.01 5.24
N ALA A 247 -9.92 -11.43 6.51
CA ALA A 247 -11.22 -11.72 7.14
C ALA A 247 -12.12 -10.49 7.18
N ALA A 248 -11.54 -9.35 7.52
CA ALA A 248 -12.29 -8.10 7.58
C ALA A 248 -12.80 -7.74 6.19
N GLY A 249 -11.98 -7.96 5.18
CA GLY A 249 -12.44 -7.76 3.79
C GLY A 249 -13.62 -8.62 3.47
N ARG A 250 -13.47 -9.92 3.73
CA ARG A 250 -14.54 -10.85 3.50
C ARG A 250 -15.83 -10.46 4.20
N LYS A 251 -15.72 -10.06 5.45
CA LYS A 251 -16.92 -9.68 6.21
C LYS A 251 -17.60 -8.44 5.60
N ARG A 252 -16.80 -7.49 5.14
CA ARG A 252 -17.35 -6.27 4.54
C ARG A 252 -18.12 -6.63 3.26
N LEU A 253 -17.54 -7.49 2.44
CA LEU A 253 -18.19 -7.93 1.22
C LEU A 253 -19.45 -8.72 1.52
N GLU A 254 -19.37 -9.68 2.42
CA GLU A 254 -20.55 -10.47 2.73
C GLU A 254 -21.66 -9.60 3.29
N THR A 255 -21.32 -8.68 4.17
CA THR A 255 -22.35 -7.73 4.69
C THR A 255 -22.97 -6.95 3.53
N ARG A 256 -22.13 -6.52 2.59
CA ARG A 256 -22.62 -5.72 1.46
C ARG A 256 -23.52 -6.51 0.52
N LEU A 257 -23.14 -7.75 0.21
CA LEU A 257 -23.98 -8.58 -0.66
C LEU A 257 -25.30 -8.90 0.00
N ALA A 258 -25.29 -9.09 1.31
CA ALA A 258 -26.55 -9.33 2.02
C ALA A 258 -27.46 -8.10 1.97
N SER A 259 -26.88 -6.93 2.12
CA SER A 259 -27.61 -5.66 2.10
CA SER A 259 -27.65 -5.69 2.11
C SER A 259 -28.27 -5.42 0.75
N GLU A 260 -27.70 -6.00 -0.30
CA GLU A 260 -28.18 -5.81 -1.68
C GLU A 260 -29.33 -6.73 -2.08
N LYS A 261 -29.55 -7.80 -1.33
CA LYS A 261 -30.60 -8.75 -1.70
C LYS A 261 -31.99 -8.10 -1.76
ZN ZN B . -8.85 3.04 -2.54
ZN ZN C . -8.01 4.17 0.75
NA NA D . -7.83 1.70 -11.88
NA NA E . -0.77 -1.40 -8.28
NA NA F . 5.65 12.47 -12.02
NA NA G . 3.96 6.90 -17.51
NA NA H . 5.88 14.38 9.32
NA NA I . -8.79 -0.80 3.88
NA NA J . 13.76 5.89 -12.83
NA NA K . -24.77 -1.12 -10.61
NA NA L . -8.76 3.27 -9.93
NA NA M . -14.40 -0.93 -3.92
NA NA N . 2.92 -8.36 18.98
NA NA O . -4.47 1.91 15.54
NA NA P . 5.13 -10.27 19.01
NA NA Q . 11.01 -6.52 20.55
NA NA R . -23.30 0.86 -11.89
S SO4 S . -13.86 -2.57 7.34
O1 SO4 S . -14.90 -3.56 7.21
O2 SO4 S . -13.19 -2.44 6.01
O3 SO4 S . -14.50 -1.26 7.67
O4 SO4 S . -12.87 -3.03 8.36
S SO4 T . 7.07 8.09 -19.35
O1 SO4 T . 6.05 7.04 -19.28
O2 SO4 T . 6.91 8.63 -20.74
O3 SO4 T . 6.92 9.19 -18.37
O4 SO4 T . 8.40 7.56 -19.15
S SO4 U . 17.87 14.82 -1.45
O1 SO4 U . 17.40 16.18 -1.80
O2 SO4 U . 17.89 14.00 -2.71
O3 SO4 U . 16.98 14.35 -0.35
O4 SO4 U . 19.27 14.85 -0.92
O31 HIW V . -10.02 0.76 1.79
C31 HIW V . -9.72 1.85 1.30
O32 HIW V . -8.54 2.02 0.75
C3 HIW V . -10.64 2.98 1.49
N4 HIW V . -10.32 4.17 1.22
C2 HIW V . -12.05 2.79 1.93
C1 HIW V . -12.61 4.19 1.67
C5 HIW V . -11.38 5.13 1.51
C6 HIW V . -11.43 6.20 0.43
C7 HIW V . -12.36 7.31 0.87
O71 HIW V . -12.63 8.22 0.11
O72 HIW V . -12.72 7.43 2.13
C61 HIW V . -11.91 5.71 -0.93
O62 HIW V . -11.47 4.39 -1.23
C62 HIW V . -11.40 6.63 -2.05
S21 HIW V . -12.15 2.13 3.61
C22 HIW V . -11.13 3.20 4.62
C23 HIW V . -10.64 2.57 5.93
N24 HIW V . -10.28 1.17 5.84
C25 HIW V . -11.11 0.19 6.19
N26 HIW V . -10.71 -0.99 6.12
#